data_1G85
#
_entry.id   1G85
#
_cell.length_a   55.9
_cell.length_b   65.5
_cell.length_c   42.7
_cell.angle_alpha   90
_cell.angle_beta   98.8
_cell.angle_gamma   90
#
_symmetry.space_group_name_H-M   'P 1 21 1'
#
loop_
_entity.id
_entity.type
_entity.pdbx_description
1 polymer 'ODORANT-BINDING PROTEIN'
2 non-polymer (3R)-oct-1-en-3-ol
3 water water
#
_entity_poly.entity_id   1
_entity_poly.type   'polypeptide(L)'
_entity_poly.pdbx_seq_one_letter_code
;AQEEEAEQNLSELSGPWRTVYIGSTNPEKIQENGPFRTYFRELVFDDEKGTVDFYFSVKRDGKWKNVHVKATKQDDGTYV
ADYEGQNVFKIVSLSRTHLVAHNINVDKHGQTTELTGLFVKLNVEDEDLEKFWKLTEDKGIDKKNVVNFLENENHPHPE
;
_entity_poly.pdbx_strand_id   A,B
#
loop_
_chem_comp.id
_chem_comp.type
_chem_comp.name
_chem_comp.formula
3OL non-polymer (3R)-oct-1-en-3-ol 'C8 H16 O'
#
# COMPACT_ATOMS: atom_id res chain seq x y z
N ALA A 1 12.79 -39.00 15.71
CA ALA A 1 12.45 -38.08 14.59
C ALA A 1 11.99 -36.73 15.11
N GLN A 2 12.54 -35.65 14.57
CA GLN A 2 12.08 -34.34 15.02
C GLN A 2 10.88 -34.03 14.15
N GLU A 3 10.74 -32.78 13.75
CA GLU A 3 9.62 -32.42 12.88
C GLU A 3 9.91 -32.94 11.48
N GLU A 4 8.92 -32.87 10.62
CA GLU A 4 9.05 -33.34 9.25
C GLU A 4 9.14 -32.12 8.32
N GLU A 5 9.62 -32.36 7.11
CA GLU A 5 9.78 -31.30 6.12
C GLU A 5 8.46 -30.59 5.83
N ALA A 6 8.54 -29.29 5.57
CA ALA A 6 7.35 -28.50 5.28
C ALA A 6 7.25 -28.18 3.78
N GLU A 7 6.12 -28.57 3.17
CA GLU A 7 5.89 -28.31 1.76
C GLU A 7 5.66 -26.81 1.65
N GLN A 8 6.66 -26.10 1.11
CA GLN A 8 6.58 -24.65 1.01
C GLN A 8 6.40 -24.06 -0.39
N ASN A 9 5.27 -23.41 -0.61
CA ASN A 9 4.98 -22.75 -1.88
C ASN A 9 4.54 -21.32 -1.57
N LEU A 10 5.51 -20.43 -1.43
CA LEU A 10 5.26 -19.02 -1.12
C LEU A 10 5.50 -18.12 -2.33
N SER A 11 5.92 -18.73 -3.44
CA SER A 11 6.20 -17.98 -4.66
C SER A 11 5.10 -17.02 -5.09
N GLU A 12 3.85 -17.45 -5.00
CA GLU A 12 2.76 -16.59 -5.44
C GLU A 12 2.42 -15.44 -4.50
N LEU A 13 3.02 -15.43 -3.32
CA LEU A 13 2.76 -14.34 -2.38
C LEU A 13 3.62 -13.13 -2.76
N SER A 14 4.49 -13.31 -3.74
CA SER A 14 5.36 -12.24 -4.21
C SER A 14 4.53 -11.09 -4.77
N GLY A 15 5.03 -9.87 -4.58
CA GLY A 15 4.34 -8.71 -5.09
C GLY A 15 4.48 -7.51 -4.18
N PRO A 16 3.63 -6.48 -4.37
CA PRO A 16 3.71 -5.28 -3.53
C PRO A 16 3.13 -5.51 -2.12
N TRP A 17 3.92 -5.15 -1.11
CA TRP A 17 3.51 -5.27 0.29
C TRP A 17 3.74 -3.94 0.97
N ARG A 18 2.98 -3.70 2.04
CA ARG A 18 3.11 -2.46 2.80
C ARG A 18 3.18 -2.73 4.29
N THR A 19 3.90 -1.88 5.01
CA THR A 19 4.02 -2.01 6.45
C THR A 19 2.80 -1.41 7.14
N VAL A 20 2.26 -2.12 8.12
CA VAL A 20 1.11 -1.61 8.87
C VAL A 20 1.64 -1.21 10.26
N TYR A 21 2.23 -2.17 10.97
CA TYR A 21 2.79 -1.90 12.30
C TYR A 21 4.13 -2.59 12.49
N ILE A 22 5.00 -1.95 13.28
CA ILE A 22 6.27 -2.55 13.67
C ILE A 22 6.44 -2.18 15.15
N GLY A 23 6.69 -3.18 15.98
CA GLY A 23 6.91 -2.95 17.40
C GLY A 23 8.34 -3.30 17.74
N SER A 24 8.89 -2.76 18.83
CA SER A 24 10.27 -3.04 19.18
C SER A 24 10.57 -2.99 20.67
N THR A 25 11.43 -3.89 21.15
CA THR A 25 11.80 -3.90 22.56
C THR A 25 12.71 -2.70 22.84
N ASN A 26 13.28 -2.14 21.78
CA ASN A 26 14.15 -0.96 21.88
C ASN A 26 13.53 0.12 20.99
N PRO A 27 12.81 1.09 21.58
CA PRO A 27 12.17 2.16 20.80
C PRO A 27 13.07 2.94 19.85
N GLU A 28 14.33 3.13 20.22
CA GLU A 28 15.27 3.88 19.39
C GLU A 28 15.36 3.32 17.96
N LYS A 29 15.31 2.00 17.84
CA LYS A 29 15.42 1.34 16.54
C LYS A 29 14.31 1.68 15.55
N ILE A 30 13.13 2.06 16.04
CA ILE A 30 12.03 2.38 15.13
C ILE A 30 11.57 3.82 15.17
N GLN A 31 12.21 4.64 16.02
CA GLN A 31 11.84 6.05 16.10
C GLN A 31 12.34 6.71 14.83
N GLU A 32 11.97 7.98 14.64
CA GLU A 32 12.41 8.70 13.45
C GLU A 32 13.92 8.56 13.31
N ASN A 33 14.37 8.27 12.09
CA ASN A 33 15.78 8.08 11.78
C ASN A 33 16.27 6.70 12.24
N GLY A 34 15.36 5.91 12.81
CA GLY A 34 15.73 4.58 13.27
C GLY A 34 15.97 3.64 12.10
N PRO A 35 16.90 2.69 12.23
CA PRO A 35 17.18 1.75 11.15
C PRO A 35 16.04 0.79 10.80
N PHE A 36 15.14 0.53 11.74
CA PHE A 36 14.05 -0.38 11.44
C PHE A 36 12.69 0.27 11.19
N ARG A 37 12.69 1.57 10.94
CA ARG A 37 11.44 2.28 10.63
C ARG A 37 11.32 2.08 9.11
N THR A 38 11.03 0.85 8.73
CA THR A 38 10.98 0.46 7.33
C THR A 38 9.61 0.40 6.64
N TYR A 39 9.47 1.17 5.57
CA TYR A 39 8.25 1.19 4.78
C TYR A 39 8.42 0.19 3.63
N PHE A 40 7.81 -0.98 3.75
CA PHE A 40 7.89 -2.02 2.73
C PHE A 40 7.31 -1.58 1.39
N ARG A 41 7.89 -2.10 0.31
CA ARG A 41 7.43 -1.80 -1.03
C ARG A 41 7.12 -3.10 -1.77
N GLU A 42 8.05 -4.05 -1.70
CA GLU A 42 7.88 -5.31 -2.41
C GLU A 42 8.59 -6.49 -1.73
N LEU A 43 8.02 -7.67 -1.91
CA LEU A 43 8.59 -8.90 -1.37
C LEU A 43 8.56 -9.93 -2.49
N VAL A 44 9.68 -10.66 -2.66
CA VAL A 44 9.75 -11.69 -3.68
C VAL A 44 10.24 -12.97 -3.03
N PHE A 45 9.43 -14.01 -3.12
CA PHE A 45 9.73 -15.30 -2.54
C PHE A 45 10.15 -16.28 -3.62
N ASP A 46 11.27 -16.98 -3.39
CA ASP A 46 11.76 -17.96 -4.35
C ASP A 46 11.80 -19.31 -3.64
N ASP A 47 10.85 -20.19 -3.95
CA ASP A 47 10.76 -21.51 -3.34
C ASP A 47 11.90 -22.46 -3.68
N GLU A 48 12.52 -22.28 -4.83
CA GLU A 48 13.60 -23.15 -5.26
C GLU A 48 14.93 -22.83 -4.61
N LYS A 49 15.23 -21.53 -4.48
CA LYS A 49 16.47 -21.09 -3.85
C LYS A 49 16.25 -20.90 -2.36
N GLY A 50 15.00 -20.96 -1.94
CA GLY A 50 14.67 -20.78 -0.53
C GLY A 50 15.07 -19.43 0.02
N THR A 51 14.73 -18.36 -0.71
CA THR A 51 15.08 -17.02 -0.28
C THR A 51 13.89 -16.07 -0.33
N VAL A 52 14.11 -14.88 0.21
CA VAL A 52 13.11 -13.83 0.22
C VAL A 52 13.87 -12.54 0.02
N ASP A 53 13.45 -11.76 -0.97
CA ASP A 53 14.10 -10.48 -1.22
C ASP A 53 13.19 -9.39 -0.71
N PHE A 54 13.74 -8.55 0.16
CA PHE A 54 13.01 -7.43 0.75
C PHE A 54 13.37 -6.14 0.04
N TYR A 55 12.35 -5.37 -0.34
CA TYR A 55 12.58 -4.07 -0.95
C TYR A 55 11.79 -3.10 -0.11
N PHE A 56 12.48 -2.16 0.54
CA PHE A 56 11.81 -1.20 1.39
C PHE A 56 12.54 0.14 1.38
N SER A 57 11.91 1.13 2.00
CA SER A 57 12.47 2.48 2.08
C SER A 57 12.62 2.90 3.53
N VAL A 58 13.71 3.60 3.82
CA VAL A 58 13.98 4.10 5.16
C VAL A 58 14.64 5.46 5.04
N LYS A 59 14.36 6.34 6.00
CA LYS A 59 14.93 7.68 5.98
C LYS A 59 16.14 7.67 6.92
N ARG A 60 17.29 8.06 6.39
CA ARG A 60 18.52 8.11 7.17
C ARG A 60 19.22 9.45 7.03
N ASP A 61 19.54 10.07 8.16
CA ASP A 61 20.24 11.35 8.15
C ASP A 61 19.52 12.37 7.29
N GLY A 62 18.20 12.38 7.34
CA GLY A 62 17.42 13.32 6.58
C GLY A 62 17.31 13.01 5.09
N LYS A 63 17.68 11.79 4.70
CA LYS A 63 17.61 11.37 3.30
C LYS A 63 16.90 10.04 3.14
N TRP A 64 16.10 9.90 2.08
CA TRP A 64 15.40 8.66 1.83
C TRP A 64 16.26 7.67 1.07
N LYS A 65 16.23 6.42 1.50
CA LYS A 65 17.01 5.35 0.89
C LYS A 65 16.15 4.15 0.50
N ASN A 66 16.40 3.61 -0.69
CA ASN A 66 15.69 2.42 -1.15
C ASN A 66 16.65 1.27 -0.85
N VAL A 67 16.19 0.30 -0.06
CA VAL A 67 17.04 -0.82 0.32
C VAL A 67 16.57 -2.18 -0.19
N HIS A 68 17.54 -3.05 -0.46
CA HIS A 68 17.27 -4.40 -0.93
C HIS A 68 18.03 -5.37 -0.05
N VAL A 69 17.30 -6.31 0.55
CA VAL A 69 17.89 -7.30 1.43
C VAL A 69 17.47 -8.70 1.01
N LYS A 70 18.45 -9.60 1.00
CA LYS A 70 18.22 -10.99 0.62
C LYS A 70 18.29 -11.86 1.86
N ALA A 71 17.25 -12.65 2.11
CA ALA A 71 17.22 -13.52 3.27
C ALA A 71 17.29 -14.96 2.79
N THR A 72 17.95 -15.82 3.55
CA THR A 72 18.08 -17.22 3.19
C THR A 72 17.47 -18.10 4.27
N LYS A 73 16.63 -19.04 3.84
CA LYS A 73 15.97 -19.94 4.78
C LYS A 73 16.97 -20.96 5.36
N GLN A 74 16.63 -21.50 6.52
CA GLN A 74 17.49 -22.48 7.18
C GLN A 74 16.67 -23.73 7.52
N ASP A 75 17.35 -24.83 7.79
CA ASP A 75 16.67 -26.08 8.15
C ASP A 75 15.71 -25.73 9.27
N ASP A 76 16.17 -24.80 10.11
CA ASP A 76 15.40 -24.31 11.25
C ASP A 76 14.03 -23.81 10.81
N GLY A 77 13.96 -23.26 9.60
CA GLY A 77 12.70 -22.75 9.10
C GLY A 77 12.69 -21.23 9.14
N THR A 78 13.62 -20.68 9.91
CA THR A 78 13.74 -19.23 10.03
C THR A 78 14.59 -18.74 8.86
N TYR A 79 14.70 -17.42 8.73
CA TYR A 79 15.50 -16.83 7.68
C TYR A 79 16.56 -15.95 8.31
N VAL A 80 17.73 -15.89 7.68
CA VAL A 80 18.79 -15.03 8.20
C VAL A 80 19.17 -14.03 7.14
N ALA A 81 19.55 -12.84 7.58
CA ALA A 81 19.93 -11.79 6.65
C ALA A 81 20.76 -10.74 7.35
N ASP A 82 21.58 -10.04 6.57
CA ASP A 82 22.40 -8.99 7.11
C ASP A 82 21.77 -7.65 6.79
N TYR A 83 21.55 -6.87 7.84
CA TYR A 83 20.97 -5.53 7.75
C TYR A 83 21.12 -4.90 9.12
N GLU A 84 21.95 -3.87 9.22
CA GLU A 84 22.18 -3.19 10.49
C GLU A 84 22.51 -4.25 11.54
N GLY A 85 23.34 -5.21 11.15
CA GLY A 85 23.72 -6.29 12.04
C GLY A 85 23.24 -7.63 11.50
N GLN A 86 23.13 -8.63 12.38
CA GLN A 86 22.67 -9.95 11.97
C GLN A 86 21.20 -10.09 12.36
N ASN A 87 20.42 -10.75 11.50
CA ASN A 87 19.01 -10.92 11.77
C ASN A 87 18.51 -12.35 11.62
N VAL A 88 17.59 -12.74 12.49
CA VAL A 88 16.97 -14.05 12.46
C VAL A 88 15.49 -13.70 12.47
N PHE A 89 14.87 -13.91 11.31
N PHE A 89 14.82 -13.82 11.33
CA PHE A 89 13.47 -13.58 11.00
CA PHE A 89 13.41 -13.50 11.37
C PHE A 89 12.53 -14.79 10.94
C PHE A 89 12.58 -14.74 11.08
N LYS A 90 11.42 -14.77 11.70
CA LYS A 90 10.47 -15.88 11.65
C LYS A 90 9.09 -15.43 11.22
N ILE A 91 8.50 -16.15 10.27
CA ILE A 91 7.14 -15.85 9.82
C ILE A 91 6.22 -16.60 10.77
N VAL A 92 5.47 -15.85 11.58
CA VAL A 92 4.57 -16.43 12.56
C VAL A 92 3.21 -16.80 11.95
N SER A 93 2.67 -15.89 11.14
N SER A 93 2.67 -15.90 11.13
CA SER A 93 1.38 -16.11 10.50
CA SER A 93 1.39 -16.14 10.50
C SER A 93 1.45 -15.57 9.07
C SER A 93 1.46 -15.57 9.08
N LEU A 94 0.95 -16.34 8.12
CA LEU A 94 0.98 -15.91 6.72
C LEU A 94 -0.21 -16.36 5.91
N SER A 95 -0.67 -15.48 5.01
CA SER A 95 -1.79 -15.78 4.13
C SER A 95 -1.63 -14.96 2.85
N ARG A 96 -2.62 -15.06 1.97
N ARG A 96 -2.60 -15.06 1.97
CA ARG A 96 -2.60 -14.33 0.71
CA ARG A 96 -2.56 -14.33 0.70
C ARG A 96 -2.66 -12.82 0.90
C ARG A 96 -2.61 -12.82 0.92
N THR A 97 -3.04 -12.40 2.10
CA THR A 97 -3.15 -10.97 2.37
C THR A 97 -2.32 -10.37 3.50
N HIS A 98 -1.83 -11.19 4.42
CA HIS A 98 -1.07 -10.65 5.53
C HIS A 98 0.14 -11.46 5.93
N LEU A 99 1.05 -10.81 6.63
CA LEU A 99 2.25 -11.43 7.14
C LEU A 99 2.51 -10.88 8.53
N VAL A 100 2.66 -11.77 9.51
CA VAL A 100 2.96 -11.36 10.87
C VAL A 100 4.30 -12.00 11.14
N ALA A 101 5.31 -11.21 11.47
CA ALA A 101 6.64 -11.75 11.69
C ALA A 101 7.30 -11.27 12.95
N HIS A 102 8.32 -12.03 13.35
CA HIS A 102 9.11 -11.75 14.54
C HIS A 102 10.56 -11.73 14.09
N ASN A 103 11.28 -10.65 14.39
CA ASN A 103 12.69 -10.55 14.00
C ASN A 103 13.61 -10.26 15.19
N ILE A 104 14.72 -10.96 15.24
CA ILE A 104 15.72 -10.75 16.28
C ILE A 104 16.94 -10.14 15.61
N ASN A 105 17.32 -8.96 16.06
CA ASN A 105 18.48 -8.28 15.49
C ASN A 105 19.53 -8.05 16.57
N VAL A 106 20.79 -8.26 16.18
CA VAL A 106 21.93 -8.06 17.07
C VAL A 106 22.81 -7.08 16.32
N ASP A 107 22.96 -5.87 16.85
CA ASP A 107 23.77 -4.86 16.17
C ASP A 107 25.26 -5.04 16.37
N LYS A 108 26.04 -4.11 15.82
CA LYS A 108 27.49 -4.15 15.90
C LYS A 108 28.06 -4.07 17.31
N HIS A 109 27.20 -3.78 18.29
CA HIS A 109 27.65 -3.67 19.68
C HIS A 109 27.11 -4.83 20.52
N GLY A 110 26.58 -5.84 19.84
CA GLY A 110 26.04 -7.01 20.52
C GLY A 110 24.68 -6.77 21.16
N GLN A 111 24.09 -5.60 20.92
CA GLN A 111 22.80 -5.27 21.48
C GLN A 111 21.71 -6.07 20.78
N THR A 112 20.87 -6.75 21.56
CA THR A 112 19.79 -7.56 21.02
C THR A 112 18.46 -6.80 21.03
N THR A 113 17.77 -6.79 19.90
CA THR A 113 16.48 -6.11 19.78
C THR A 113 15.48 -7.05 19.15
N GLU A 114 14.31 -7.20 19.76
CA GLU A 114 13.28 -8.07 19.17
C GLU A 114 12.20 -7.16 18.59
N LEU A 115 11.79 -7.47 17.37
CA LEU A 115 10.77 -6.68 16.70
C LEU A 115 9.64 -7.56 16.20
N THR A 116 8.45 -6.97 16.16
CA THR A 116 7.27 -7.69 15.66
C THR A 116 6.71 -6.81 14.55
N GLY A 117 6.03 -7.43 13.60
CA GLY A 117 5.49 -6.64 12.52
C GLY A 117 4.30 -7.25 11.83
N LEU A 118 3.47 -6.36 11.27
CA LEU A 118 2.30 -6.75 10.51
C LEU A 118 2.42 -6.07 9.17
N PHE A 119 2.36 -6.84 8.10
CA PHE A 119 2.45 -6.31 6.75
C PHE A 119 1.26 -6.81 5.95
N VAL A 120 0.78 -5.98 5.02
CA VAL A 120 -0.36 -6.37 4.19
C VAL A 120 0.00 -6.34 2.71
N LYS A 121 -0.57 -7.24 1.94
CA LYS A 121 -0.26 -7.29 0.52
C LYS A 121 -1.27 -6.50 -0.30
N LEU A 122 -0.80 -5.84 -1.35
CA LEU A 122 -1.69 -5.09 -2.23
C LEU A 122 -1.95 -6.01 -3.41
N ASN A 123 -3.09 -6.71 -3.34
CA ASN A 123 -3.47 -7.65 -4.39
C ASN A 123 -4.22 -7.01 -5.53
N VAL A 124 -3.71 -7.18 -6.75
CA VAL A 124 -4.36 -6.65 -7.93
C VAL A 124 -4.83 -7.86 -8.73
N GLU A 125 -6.14 -8.04 -8.80
CA GLU A 125 -6.74 -9.18 -9.49
C GLU A 125 -6.79 -9.04 -11.01
N ASP A 126 -6.65 -10.17 -11.70
CA ASP A 126 -6.69 -10.19 -13.16
C ASP A 126 -8.02 -9.71 -13.72
N GLU A 127 -9.12 -10.05 -13.04
CA GLU A 127 -10.44 -9.64 -13.50
C GLU A 127 -10.54 -8.12 -13.52
N ASP A 128 -10.03 -7.48 -12.47
CA ASP A 128 -10.09 -6.03 -12.37
C ASP A 128 -9.12 -5.35 -13.36
N LEU A 129 -7.97 -5.96 -13.59
CA LEU A 129 -7.00 -5.40 -14.54
C LEU A 129 -7.61 -5.43 -15.94
N GLU A 130 -8.31 -6.52 -16.25
CA GLU A 130 -8.94 -6.67 -17.55
C GLU A 130 -10.01 -5.61 -17.75
N LYS A 131 -10.77 -5.34 -16.69
CA LYS A 131 -11.82 -4.35 -16.74
C LYS A 131 -11.20 -2.97 -17.01
N PHE A 132 -10.09 -2.68 -16.34
CA PHE A 132 -9.42 -1.40 -16.54
C PHE A 132 -8.90 -1.25 -17.96
N TRP A 133 -8.25 -2.30 -18.48
CA TRP A 133 -7.72 -2.21 -19.83
C TRP A 133 -8.80 -2.11 -20.90
N LYS A 134 -9.94 -2.77 -20.69
CA LYS A 134 -11.00 -2.69 -21.67
C LYS A 134 -11.56 -1.27 -21.68
N LEU A 135 -11.83 -0.74 -20.50
CA LEU A 135 -12.37 0.62 -20.37
C LEU A 135 -11.42 1.64 -21.00
N THR A 136 -10.14 1.47 -20.73
CA THR A 136 -9.12 2.36 -21.25
C THR A 136 -9.09 2.31 -22.78
N GLU A 137 -9.27 1.11 -23.33
CA GLU A 137 -9.29 0.92 -24.77
C GLU A 137 -10.55 1.56 -25.34
N ASP A 138 -11.67 1.41 -24.63
CA ASP A 138 -12.95 1.97 -25.06
C ASP A 138 -12.87 3.50 -25.16
N LYS A 139 -12.09 4.12 -24.28
CA LYS A 139 -11.95 5.58 -24.27
C LYS A 139 -10.87 6.10 -25.20
N GLY A 140 -10.30 5.19 -25.99
CA GLY A 140 -9.28 5.56 -26.96
C GLY A 140 -7.96 6.03 -26.37
N ILE A 141 -7.66 5.55 -25.17
CA ILE A 141 -6.42 5.91 -24.51
C ILE A 141 -5.29 4.95 -24.89
N ASP A 142 -4.17 5.53 -25.31
CA ASP A 142 -3.00 4.75 -25.71
C ASP A 142 -2.29 4.17 -24.50
N LYS A 143 -1.79 2.94 -24.63
CA LYS A 143 -1.08 2.29 -23.53
C LYS A 143 0.07 3.12 -22.98
N LYS A 144 0.72 3.88 -23.86
CA LYS A 144 1.83 4.71 -23.43
C LYS A 144 1.33 5.89 -22.58
N ASN A 145 0.03 6.13 -22.61
CA ASN A 145 -0.54 7.23 -21.83
C ASN A 145 -1.19 6.74 -20.54
N VAL A 146 -0.62 5.66 -19.99
CA VAL A 146 -1.07 5.08 -18.74
C VAL A 146 0.12 5.06 -17.79
N VAL A 147 -0.07 5.58 -16.57
CA VAL A 147 1.01 5.61 -15.59
C VAL A 147 0.82 4.55 -14.50
N ASN A 148 1.92 3.88 -14.15
CA ASN A 148 1.94 2.86 -13.12
C ASN A 148 2.31 3.54 -11.80
N PHE A 149 1.41 3.52 -10.83
CA PHE A 149 1.66 4.16 -9.53
C PHE A 149 2.18 3.21 -8.46
N LEU A 150 2.20 1.92 -8.76
CA LEU A 150 2.67 0.93 -7.80
C LEU A 150 4.19 0.86 -7.82
N GLU A 151 4.76 0.89 -9.03
CA GLU A 151 6.20 0.84 -9.17
C GLU A 151 6.69 2.14 -9.82
N ASN A 152 6.73 3.20 -9.03
CA ASN A 152 7.19 4.49 -9.53
C ASN A 152 8.09 5.18 -8.52
N GLU A 153 9.25 5.64 -9.00
CA GLU A 153 10.23 6.32 -8.15
C GLU A 153 9.70 7.61 -7.54
N ASN A 154 8.98 8.38 -8.35
CA ASN A 154 8.42 9.65 -7.93
C ASN A 154 7.13 9.46 -7.12
N HIS A 155 7.27 9.34 -5.80
CA HIS A 155 6.12 9.15 -4.92
C HIS A 155 6.19 9.99 -3.64
N PRO A 156 5.05 10.21 -2.96
CA PRO A 156 4.98 11.00 -1.72
C PRO A 156 5.79 10.40 -0.58
N HIS A 157 6.17 11.25 0.38
CA HIS A 157 6.94 10.80 1.54
C HIS A 157 6.06 10.70 2.78
N PRO A 158 6.14 9.56 3.48
N PRO A 158 6.14 9.56 3.48
CA PRO A 158 5.34 9.33 4.69
CA PRO A 158 5.32 9.36 4.69
C PRO A 158 5.79 10.21 5.86
C PRO A 158 5.79 10.21 5.87
N GLU A 159 7.02 10.72 5.76
CA GLU A 159 7.58 11.56 6.82
C GLU A 159 8.80 12.33 6.32
N GLU B 3 -15.34 -19.12 11.16
CA GLU B 3 -15.39 -18.46 9.82
C GLU B 3 -16.50 -17.41 9.75
N GLU B 4 -16.11 -16.14 9.66
CA GLU B 4 -17.09 -15.07 9.58
C GLU B 4 -16.57 -13.86 8.78
N GLU B 5 -17.49 -13.12 8.18
CA GLU B 5 -17.14 -11.95 7.40
C GLU B 5 -18.06 -10.78 7.75
N ALA B 6 -17.47 -9.61 7.92
CA ALA B 6 -18.22 -8.41 8.25
C ALA B 6 -19.35 -8.18 7.27
N GLU B 7 -20.46 -7.63 7.77
CA GLU B 7 -21.62 -7.35 6.93
C GLU B 7 -21.23 -6.34 5.85
N GLN B 8 -21.74 -6.54 4.65
CA GLN B 8 -21.45 -5.66 3.52
C GLN B 8 -22.20 -4.33 3.58
N ASN B 9 -21.44 -3.25 3.74
CA ASN B 9 -21.99 -1.90 3.81
C ASN B 9 -21.12 -1.02 2.92
N LEU B 10 -21.73 -0.04 2.24
CA LEU B 10 -20.96 0.84 1.37
C LEU B 10 -19.92 1.60 2.19
N SER B 11 -20.25 1.86 3.45
CA SER B 11 -19.36 2.57 4.36
C SER B 11 -18.19 1.68 4.77
N GLU B 12 -18.34 0.38 4.57
CA GLU B 12 -17.30 -0.57 4.92
C GLU B 12 -16.18 -0.48 3.89
N LEU B 13 -16.46 0.19 2.78
CA LEU B 13 -15.49 0.36 1.72
C LEU B 13 -14.56 1.53 2.02
N SER B 14 -14.96 2.37 2.98
CA SER B 14 -14.16 3.51 3.38
C SER B 14 -12.84 3.04 4.02
N GLY B 15 -11.78 3.81 3.81
CA GLY B 15 -10.50 3.43 4.39
C GLY B 15 -9.34 3.72 3.45
N PRO B 16 -8.18 3.11 3.70
CA PRO B 16 -7.02 3.35 2.84
C PRO B 16 -7.16 2.72 1.45
N TRP B 17 -6.94 3.53 0.43
CA TRP B 17 -6.99 3.07 -0.96
C TRP B 17 -5.71 3.56 -1.63
N ARG B 18 -5.27 2.84 -2.65
CA ARG B 18 -4.06 3.19 -3.38
C ARG B 18 -4.28 3.19 -4.88
N THR B 19 -3.59 4.07 -5.58
CA THR B 19 -3.69 4.15 -7.03
C THR B 19 -2.82 3.08 -7.66
N VAL B 20 -3.33 2.40 -8.68
CA VAL B 20 -2.55 1.39 -9.38
C VAL B 20 -2.20 1.97 -10.76
N TYR B 21 -3.23 2.27 -11.55
CA TYR B 21 -3.03 2.86 -12.88
C TYR B 21 -4.00 4.01 -13.12
N ILE B 22 -3.53 5.01 -13.86
CA ILE B 22 -4.40 6.11 -14.29
C ILE B 22 -4.03 6.36 -15.75
N GLY B 23 -5.04 6.37 -16.63
CA GLY B 23 -4.81 6.64 -18.04
C GLY B 23 -5.46 7.95 -18.42
N SER B 24 -4.96 8.63 -19.46
CA SER B 24 -5.54 9.91 -19.87
C SER B 24 -5.51 10.13 -21.39
N THR B 25 -6.54 10.79 -21.91
CA THR B 25 -6.60 11.12 -23.34
C THR B 25 -5.62 12.26 -23.62
N ASN B 26 -5.29 13.00 -22.57
CA ASN B 26 -4.34 14.10 -22.67
C ASN B 26 -3.18 13.76 -21.73
N PRO B 27 -2.05 13.29 -22.30
CA PRO B 27 -0.87 12.91 -21.51
C PRO B 27 -0.36 13.98 -20.54
N GLU B 28 -0.49 15.24 -20.90
CA GLU B 28 -0.01 16.34 -20.06
C GLU B 28 -0.66 16.36 -18.66
N LYS B 29 -1.91 15.91 -18.57
CA LYS B 29 -2.61 15.91 -17.30
C LYS B 29 -2.06 14.93 -16.26
N ILE B 30 -1.37 13.89 -16.71
CA ILE B 30 -0.83 12.91 -15.79
C ILE B 30 0.69 12.81 -15.76
N GLN B 31 1.34 13.72 -16.48
CA GLN B 31 2.81 13.78 -16.52
C GLN B 31 3.25 14.39 -15.19
N GLU B 32 4.57 14.35 -14.93
CA GLU B 32 5.07 14.93 -13.70
C GLU B 32 4.52 16.34 -13.61
N ASN B 33 4.04 16.70 -12.42
CA ASN B 33 3.44 18.02 -12.17
C ASN B 33 2.05 18.19 -12.80
N GLY B 34 1.51 17.10 -13.35
CA GLY B 34 0.18 17.15 -13.94
C GLY B 34 -0.80 17.07 -12.79
N PRO B 35 -1.95 17.76 -12.88
CA PRO B 35 -2.94 17.72 -11.79
C PRO B 35 -3.64 16.38 -11.54
N PHE B 36 -3.60 15.46 -12.51
CA PHE B 36 -4.25 14.18 -12.29
C PHE B 36 -3.32 13.00 -12.00
N ARG B 37 -2.07 13.30 -11.69
N ARG B 37 -2.08 13.30 -11.68
CA ARG B 37 -1.11 12.25 -11.33
CA ARG B 37 -1.11 12.26 -11.33
C ARG B 37 -1.29 12.12 -9.82
C ARG B 37 -1.29 12.12 -9.82
N THR B 38 -2.47 11.64 -9.44
CA THR B 38 -2.84 11.50 -8.04
C THR B 38 -2.59 10.19 -7.32
N TYR B 39 -1.89 10.26 -6.19
CA TYR B 39 -1.62 9.09 -5.37
C TYR B 39 -2.69 9.08 -4.27
N PHE B 40 -3.62 8.14 -4.34
CA PHE B 40 -4.68 8.06 -3.34
C PHE B 40 -4.19 7.68 -1.94
N ARG B 41 -4.85 8.23 -0.93
CA ARG B 41 -4.54 7.95 0.46
C ARG B 41 -5.73 7.24 1.11
N GLU B 42 -6.88 7.91 1.07
CA GLU B 42 -8.11 7.36 1.67
C GLU B 42 -9.35 7.81 0.92
N LEU B 43 -10.41 7.01 1.03
CA LEU B 43 -11.69 7.34 0.43
C LEU B 43 -12.73 7.14 1.53
N VAL B 44 -13.72 8.03 1.59
CA VAL B 44 -14.77 7.89 2.58
C VAL B 44 -16.10 7.92 1.85
N PHE B 45 -16.86 6.84 1.95
CA PHE B 45 -18.16 6.75 1.30
C PHE B 45 -19.25 7.02 2.32
N ASP B 46 -20.23 7.85 1.96
CA ASP B 46 -21.34 8.14 2.86
C ASP B 46 -22.64 7.87 2.13
N ASP B 47 -23.27 6.76 2.48
CA ASP B 47 -24.53 6.34 1.87
C ASP B 47 -25.64 7.35 2.11
N GLU B 48 -25.70 7.87 3.33
CA GLU B 48 -26.72 8.85 3.72
C GLU B 48 -26.70 10.13 2.90
N LYS B 49 -25.54 10.76 2.83
CA LYS B 49 -25.41 12.02 2.11
C LYS B 49 -25.17 11.86 0.62
N GLY B 50 -24.83 10.65 0.19
CA GLY B 50 -24.56 10.42 -1.22
C GLY B 50 -23.29 11.14 -1.62
N THR B 51 -22.25 10.98 -0.82
CA THR B 51 -20.98 11.64 -1.12
C THR B 51 -19.79 10.72 -1.00
N VAL B 52 -18.70 11.10 -1.66
CA VAL B 52 -17.47 10.35 -1.56
C VAL B 52 -16.41 11.41 -1.33
N ASP B 53 -15.63 11.26 -0.26
CA ASP B 53 -14.56 12.20 0.04
C ASP B 53 -13.27 11.56 -0.42
N PHE B 54 -12.53 12.28 -1.25
CA PHE B 54 -11.24 11.82 -1.79
C PHE B 54 -10.08 12.48 -1.08
N TYR B 55 -9.10 11.68 -0.69
CA TYR B 55 -7.89 12.20 -0.07
C TYR B 55 -6.75 11.68 -0.88
N PHE B 56 -5.98 12.59 -1.47
CA PHE B 56 -4.86 12.16 -2.27
C PHE B 56 -3.73 13.16 -2.21
N SER B 57 -2.63 12.81 -2.85
CA SER B 57 -1.46 13.67 -2.89
C SER B 57 -1.05 13.83 -4.34
N VAL B 58 -0.60 15.03 -4.67
CA VAL B 58 -0.19 15.32 -6.03
C VAL B 58 0.93 16.34 -5.92
N LYS B 59 1.92 16.20 -6.79
CA LYS B 59 3.07 17.09 -6.79
C LYS B 59 2.85 18.26 -7.75
N ARG B 60 3.01 19.46 -7.23
CA ARG B 60 2.81 20.69 -7.98
C ARG B 60 3.98 21.65 -7.68
N ASP B 61 4.61 22.17 -8.72
CA ASP B 61 5.74 23.08 -8.56
C ASP B 61 6.86 22.39 -7.81
N GLY B 62 7.04 21.09 -8.07
CA GLY B 62 8.09 20.34 -7.41
C GLY B 62 7.84 19.91 -5.98
N LYS B 63 6.66 20.21 -5.44
CA LYS B 63 6.37 19.81 -4.06
C LYS B 63 5.06 19.05 -3.95
N TRP B 64 5.04 18.09 -3.03
CA TRP B 64 3.86 17.27 -2.78
C TRP B 64 2.82 18.03 -1.97
N LYS B 65 1.57 17.94 -2.41
CA LYS B 65 0.48 18.62 -1.73
C LYS B 65 -0.59 17.60 -1.35
N ASN B 66 -1.20 17.80 -0.19
CA ASN B 66 -2.28 16.91 0.22
C ASN B 66 -3.57 17.63 -0.17
N VAL B 67 -4.43 16.93 -0.90
CA VAL B 67 -5.67 17.50 -1.38
C VAL B 67 -6.90 16.70 -0.99
N HIS B 68 -7.98 17.40 -0.68
CA HIS B 68 -9.26 16.78 -0.34
C HIS B 68 -10.32 17.29 -1.29
N VAL B 69 -11.09 16.36 -1.87
CA VAL B 69 -12.17 16.71 -2.79
C VAL B 69 -13.43 15.93 -2.41
N LYS B 70 -14.55 16.66 -2.34
CA LYS B 70 -15.83 16.05 -2.00
C LYS B 70 -16.65 15.93 -3.28
N ALA B 71 -17.08 14.73 -3.61
CA ALA B 71 -17.89 14.53 -4.80
C ALA B 71 -19.32 14.25 -4.35
N THR B 72 -20.29 14.71 -5.14
CA THR B 72 -21.69 14.51 -4.81
C THR B 72 -22.39 13.65 -5.87
N LYS B 73 -23.10 12.64 -5.42
CA LYS B 73 -23.78 11.73 -6.34
C LYS B 73 -25.04 12.33 -6.98
N GLN B 74 -25.25 12.00 -8.24
CA GLN B 74 -26.43 12.49 -8.96
C GLN B 74 -27.46 11.38 -9.08
N ASP B 75 -28.65 11.74 -9.54
CA ASP B 75 -29.72 10.76 -9.70
C ASP B 75 -29.32 9.62 -10.62
N ASP B 76 -28.55 9.94 -11.66
CA ASP B 76 -28.12 8.92 -12.61
C ASP B 76 -27.00 8.04 -12.07
N GLY B 77 -26.65 8.21 -10.79
CA GLY B 77 -25.60 7.41 -10.19
C GLY B 77 -24.18 7.92 -10.37
N THR B 78 -23.98 8.93 -11.19
CA THR B 78 -22.64 9.48 -11.39
C THR B 78 -22.35 10.49 -10.29
N TYR B 79 -21.09 10.91 -10.17
CA TYR B 79 -20.72 11.89 -9.16
C TYR B 79 -20.11 13.14 -9.79
N VAL B 80 -20.35 14.29 -9.17
CA VAL B 80 -19.80 15.53 -9.70
C VAL B 80 -18.84 16.09 -8.66
N ALA B 81 -17.75 16.70 -9.12
CA ALA B 81 -16.77 17.25 -8.22
C ALA B 81 -16.02 18.38 -8.87
N ASP B 82 -15.63 19.35 -8.06
CA ASP B 82 -14.88 20.49 -8.53
C ASP B 82 -13.40 20.29 -8.18
N TYR B 83 -12.56 20.22 -9.20
CA TYR B 83 -11.12 20.03 -9.03
C TYR B 83 -10.47 20.27 -10.38
N GLU B 84 -9.65 21.31 -10.46
CA GLU B 84 -8.99 21.66 -11.71
C GLU B 84 -10.02 21.72 -12.84
N GLY B 85 -11.17 22.32 -12.52
CA GLY B 85 -12.24 22.42 -13.50
C GLY B 85 -13.41 21.58 -13.01
N GLN B 86 -14.34 21.27 -13.91
CA GLN B 86 -15.50 20.46 -13.52
C GLN B 86 -15.28 18.99 -13.87
N ASN B 87 -15.75 18.09 -13.01
CA ASN B 87 -15.58 16.66 -13.23
C ASN B 87 -16.86 15.87 -13.03
N VAL B 88 -17.03 14.83 -13.84
CA VAL B 88 -18.14 13.91 -13.72
C VAL B 88 -17.39 12.57 -13.67
N PHE B 89 -17.50 11.93 -12.51
N PHE B 89 -17.38 11.91 -12.51
CA PHE B 89 -16.83 10.68 -12.16
CA PHE B 89 -16.72 10.63 -12.48
C PHE B 89 -17.81 9.50 -12.18
C PHE B 89 -17.73 9.54 -12.24
N LYS B 90 -17.53 8.46 -12.96
CA LYS B 90 -18.41 7.31 -12.98
C LYS B 90 -17.71 6.05 -12.48
N ILE B 91 -18.37 5.33 -11.59
CA ILE B 91 -17.79 4.10 -11.08
C ILE B 91 -18.24 2.98 -12.01
N VAL B 92 -17.27 2.35 -12.66
CA VAL B 92 -17.52 1.28 -13.62
C VAL B 92 -17.56 -0.09 -12.96
N SER B 93 -16.74 -0.25 -11.93
CA SER B 93 -16.70 -1.51 -11.20
C SER B 93 -16.24 -1.19 -9.77
N LEU B 94 -16.88 -1.81 -8.80
CA LEU B 94 -16.53 -1.58 -7.40
C LEU B 94 -16.80 -2.78 -6.50
N SER B 95 -15.85 -3.08 -5.64
CA SER B 95 -16.00 -4.20 -4.71
C SER B 95 -15.16 -3.92 -3.48
N ARG B 96 -15.13 -4.89 -2.59
CA ARG B 96 -14.38 -4.78 -1.35
C ARG B 96 -12.89 -4.46 -1.54
N THR B 97 -12.35 -4.80 -2.70
CA THR B 97 -10.92 -4.56 -2.93
C THR B 97 -10.50 -3.71 -4.12
N HIS B 98 -11.43 -3.40 -5.03
CA HIS B 98 -11.03 -2.63 -6.20
C HIS B 98 -12.06 -1.60 -6.65
N LEU B 99 -11.57 -0.62 -7.39
CA LEU B 99 -12.42 0.43 -7.95
C LEU B 99 -11.89 0.79 -9.32
N VAL B 100 -12.75 0.70 -10.34
CA VAL B 100 -12.38 1.06 -11.70
C VAL B 100 -13.31 2.23 -12.00
N ALA B 101 -12.73 3.34 -12.45
CA ALA B 101 -13.55 4.52 -12.71
C ALA B 101 -13.17 5.25 -13.99
N HIS B 102 -14.12 6.05 -14.47
CA HIS B 102 -13.96 6.86 -15.67
C HIS B 102 -14.30 8.28 -15.24
N ASN B 103 -13.43 9.23 -15.55
CA ASN B 103 -13.67 10.62 -15.17
C ASN B 103 -13.57 11.53 -16.39
N ILE B 104 -14.51 12.46 -16.49
CA ILE B 104 -14.52 13.43 -17.57
C ILE B 104 -14.23 14.76 -16.90
N ASN B 105 -13.16 15.42 -17.34
CA ASN B 105 -12.77 16.71 -16.79
C ASN B 105 -12.80 17.79 -17.87
N VAL B 106 -13.33 18.95 -17.53
CA VAL B 106 -13.37 20.09 -18.45
C VAL B 106 -12.71 21.21 -17.65
N ASP B 107 -11.55 21.68 -18.09
CA ASP B 107 -10.82 22.70 -17.35
C ASP B 107 -11.26 24.14 -17.58
N LYS B 108 -10.54 25.06 -16.94
CA LYS B 108 -10.80 26.51 -17.01
C LYS B 108 -10.74 27.09 -18.40
N HIS B 109 -10.43 26.25 -19.39
CA HIS B 109 -10.34 26.74 -20.77
C HIS B 109 -11.28 26.01 -21.71
N GLY B 110 -12.18 25.20 -21.16
CA GLY B 110 -13.12 24.46 -21.97
C GLY B 110 -12.53 23.21 -22.63
N GLN B 111 -11.32 22.86 -22.21
CA GLN B 111 -10.63 21.68 -22.75
C GLN B 111 -11.12 20.42 -22.03
N THR B 112 -11.49 19.39 -22.80
CA THR B 112 -11.98 18.15 -22.21
C THR B 112 -10.95 17.03 -22.20
N THR B 113 -10.85 16.35 -21.07
CA THR B 113 -9.92 15.24 -20.91
C THR B 113 -10.67 14.09 -20.28
N GLU B 114 -10.48 12.89 -20.80
CA GLU B 114 -11.12 11.73 -20.19
C GLU B 114 -10.04 10.86 -19.59
N LEU B 115 -10.29 10.40 -18.37
CA LEU B 115 -9.33 9.58 -17.64
C LEU B 115 -9.95 8.29 -17.15
N THR B 116 -9.11 7.27 -17.01
CA THR B 116 -9.55 5.98 -16.50
C THR B 116 -8.61 5.66 -15.35
N GLY B 117 -9.09 4.91 -14.37
CA GLY B 117 -8.24 4.59 -13.24
C GLY B 117 -8.59 3.29 -12.55
N LEU B 118 -7.57 2.68 -11.93
CA LEU B 118 -7.77 1.45 -11.19
C LEU B 118 -7.16 1.71 -9.83
N PHE B 119 -7.96 1.47 -8.79
CA PHE B 119 -7.52 1.68 -7.41
C PHE B 119 -7.79 0.43 -6.60
N VAL B 120 -6.94 0.17 -5.62
N VAL B 120 -6.94 0.17 -5.62
CA VAL B 120 -7.07 -1.01 -4.77
CA VAL B 120 -7.11 -1.01 -4.78
C VAL B 120 -7.13 -0.61 -3.31
C VAL B 120 -7.14 -0.60 -3.31
N LYS B 121 -7.93 -1.32 -2.52
CA LYS B 121 -8.05 -1.03 -1.12
C LYS B 121 -7.08 -1.87 -0.29
N LEU B 122 -6.55 -1.27 0.76
CA LEU B 122 -5.65 -1.96 1.67
C LEU B 122 -6.54 -2.44 2.80
N ASN B 123 -6.70 -3.76 2.89
CA ASN B 123 -7.55 -4.35 3.92
C ASN B 123 -6.77 -4.98 5.05
N VAL B 124 -7.09 -4.56 6.27
CA VAL B 124 -6.46 -5.09 7.46
C VAL B 124 -7.57 -5.78 8.26
N GLU B 125 -7.49 -7.11 8.32
CA GLU B 125 -8.49 -7.93 9.02
C GLU B 125 -8.30 -7.98 10.53
N ASP B 126 -9.42 -8.12 11.25
CA ASP B 126 -9.41 -8.19 12.71
C ASP B 126 -8.50 -9.27 13.29
N GLU B 127 -8.64 -10.49 12.81
CA GLU B 127 -7.81 -11.57 13.34
C GLU B 127 -6.32 -11.39 13.09
N ASP B 128 -5.97 -10.70 12.00
CA ASP B 128 -4.57 -10.48 11.72
C ASP B 128 -4.03 -9.46 12.72
N LEU B 129 -4.83 -8.45 13.01
CA LEU B 129 -4.45 -7.43 13.99
C LEU B 129 -4.28 -8.09 15.35
N GLU B 130 -5.19 -9.00 15.70
CA GLU B 130 -5.11 -9.67 16.99
C GLU B 130 -3.86 -10.54 17.08
N LYS B 131 -3.52 -11.22 16.00
CA LYS B 131 -2.33 -12.06 16.00
C LYS B 131 -1.11 -11.18 16.22
N PHE B 132 -1.10 -10.01 15.60
CA PHE B 132 0.03 -9.09 15.76
C PHE B 132 0.15 -8.60 17.20
N TRP B 133 -0.97 -8.19 17.80
CA TRP B 133 -0.91 -7.70 19.16
C TRP B 133 -0.54 -8.78 20.17
N LYS B 134 -0.99 -10.01 19.94
CA LYS B 134 -0.67 -11.13 20.83
C LYS B 134 0.84 -11.41 20.79
N LEU B 135 1.39 -11.47 19.58
CA LEU B 135 2.82 -11.71 19.42
C LEU B 135 3.61 -10.59 20.05
N THR B 136 3.10 -9.37 19.91
CA THR B 136 3.78 -8.21 20.46
C THR B 136 3.82 -8.27 21.98
N GLU B 137 2.72 -8.67 22.60
CA GLU B 137 2.73 -8.76 24.05
C GLU B 137 3.50 -9.98 24.53
N ASP B 138 3.57 -11.02 23.70
CA ASP B 138 4.32 -12.23 24.05
C ASP B 138 5.80 -11.85 24.18
N LYS B 139 6.24 -10.90 23.37
CA LYS B 139 7.64 -10.49 23.39
C LYS B 139 7.95 -9.37 24.38
N GLY B 140 6.98 -9.04 25.24
CA GLY B 140 7.20 -8.00 26.22
C GLY B 140 7.40 -6.60 25.66
N ILE B 141 6.79 -6.33 24.51
CA ILE B 141 6.87 -5.02 23.86
C ILE B 141 5.72 -4.13 24.31
N ASP B 142 6.06 -2.96 24.84
CA ASP B 142 5.07 -1.99 25.31
C ASP B 142 4.34 -1.39 24.11
N LYS B 143 3.03 -1.21 24.26
CA LYS B 143 2.21 -0.65 23.18
C LYS B 143 2.67 0.73 22.71
N LYS B 144 3.32 1.49 23.57
CA LYS B 144 3.80 2.80 23.17
C LYS B 144 5.08 2.71 22.36
N ASN B 145 5.58 1.48 22.21
CA ASN B 145 6.80 1.23 21.44
C ASN B 145 6.43 0.59 20.10
N VAL B 146 5.26 0.96 19.60
CA VAL B 146 4.77 0.45 18.32
C VAL B 146 4.42 1.64 17.42
N VAL B 147 4.84 1.57 16.17
CA VAL B 147 4.59 2.63 15.21
C VAL B 147 3.57 2.19 14.16
N ASN B 148 2.62 3.08 13.86
CA ASN B 148 1.59 2.82 12.87
C ASN B 148 2.06 3.45 11.55
N PHE B 149 2.62 2.61 10.68
CA PHE B 149 3.12 3.08 9.39
C PHE B 149 2.01 3.41 8.41
N LEU B 150 0.91 2.68 8.50
CA LEU B 150 -0.21 2.91 7.59
C LEU B 150 -0.80 4.31 7.74
N GLU B 151 -0.96 4.79 8.96
CA GLU B 151 -1.52 6.12 9.13
C GLU B 151 -0.52 7.20 8.71
N ASN B 152 0.77 6.88 8.75
CA ASN B 152 1.77 7.86 8.31
C ASN B 152 1.63 8.03 6.80
N GLU B 153 1.51 6.90 6.09
CA GLU B 153 1.37 6.95 4.64
C GLU B 153 0.05 7.61 4.24
N ASN B 154 -0.99 7.45 5.07
CA ASN B 154 -2.30 8.04 4.78
C ASN B 154 -2.33 9.55 5.04
N HIS B 155 -1.35 10.04 5.78
CA HIS B 155 -1.28 11.46 6.09
C HIS B 155 0.17 11.92 5.91
N PRO B 156 0.65 11.95 4.65
CA PRO B 156 2.01 12.37 4.33
C PRO B 156 2.21 13.88 4.42
N HIS B 157 3.41 14.33 4.07
CA HIS B 157 3.71 15.76 4.08
C HIS B 157 4.78 16.10 3.07
C1 3OL C . 15.30 -7.59 9.11
C2 3OL C . 15.03 -7.04 7.79
C3 3OL C . 14.45 -5.67 7.58
O1 3OL C . 14.60 -5.30 6.15
C4 3OL C . 13.00 -5.77 7.98
C5 3OL C . 12.79 -5.26 9.39
C6 3OL C . 11.29 -5.27 9.73
C7 3OL C . 10.85 -6.57 10.39
C8 3OL C . 10.33 -6.28 11.83
C1 3OL D . 15.41 -7.05 7.42
C2 3OL D . 15.24 -5.77 6.91
C3 3OL D . 13.82 -5.33 7.20
O1 3OL D . 13.78 -3.88 7.26
C4 3OL D . 13.34 -5.94 8.51
C5 3OL D . 12.14 -5.37 9.25
C6 3OL D . 11.41 -6.19 10.33
C7 3OL D . 10.20 -5.63 11.06
C8 3OL D . 9.49 -6.44 12.13
C1 3OL E . -12.59 14.12 -9.47
C2 3OL E . -11.88 13.90 -8.29
C3 3OL E . -11.27 12.50 -8.37
O1 3OL E . -10.10 12.46 -7.53
C4 3OL E . -10.94 12.17 -9.82
C5 3OL E . -9.76 11.24 -10.16
C6 3OL E . -9.66 10.60 -11.53
C7 3OL E . -8.98 9.23 -11.71
C8 3OL E . -9.48 8.25 -12.77
C1 3OL F . -12.81 14.31 -10.26
C2 3OL F . -12.23 13.86 -9.01
C3 3OL F . -10.94 13.09 -8.93
O1 3OL F . -10.65 12.79 -7.50
C4 3OL F . -11.16 11.82 -9.71
C5 3OL F . -9.90 11.38 -10.42
C6 3OL F . -10.20 10.16 -11.31
C7 3OL F . -8.98 9.68 -12.08
C8 3OL F . -9.33 8.45 -12.95
#